data_7RWQ
#
_entry.id   7RWQ
#
_cell.length_a   27.180
_cell.length_b   66.346
_cell.length_c   71.216
_cell.angle_alpha   90.000
_cell.angle_beta   90.000
_cell.angle_gamma   90.000
#
_symmetry.space_group_name_H-M   'P 2 21 21'
#
loop_
_entity.id
_entity.type
_entity.pdbx_description
1 polymer 'Nucleosome-remodeling factor subunit BPTF'
2 non-polymer 4-chloro-2-methyl-5-[(1,2,3,4-tetrahydroisoquinolin-6-yl)amino]pyridazin-3(2H)-one
3 non-polymer 'CALCIUM ION'
4 water water
#
_entity_poly.entity_id   1
_entity_poly.type   'polypeptide(L)'
_entity_poly.pdbx_seq_one_letter_code
;GTENLYFQSMSTEDAMTVLTPLTEKDYEGLKRVLRSLQAHKMAWPFLEPVDPNDAPDYYGVIKEPMDLATMEERVQRRYY
EKLTEFVADMTKIFDNCRYYNPSDSPFYQCAEVLESFFVQKLKGFKASRSH
;
_entity_poly.pdbx_strand_id   A
#
loop_
_chem_comp.id
_chem_comp.type
_chem_comp.name
_chem_comp.formula
7XE non-polymer 4-chloro-2-methyl-5-[(1,2,3,4-tetrahydroisoquinolin-6-yl)amino]pyridazin-3(2H)-one 'C14 H15 Cl N4 O'
CA non-polymer 'CALCIUM ION' 'Ca 2'
#
# COMPACT_ATOMS: atom_id res chain seq x y z
N ASP A 14 3.22 18.03 -3.51
CA ASP A 14 3.45 18.30 -4.92
C ASP A 14 2.12 18.42 -5.67
N ALA A 15 2.02 19.44 -6.54
CA ALA A 15 0.84 19.57 -7.36
C ALA A 15 0.80 18.51 -8.45
N MET A 16 1.96 18.01 -8.87
CA MET A 16 1.99 16.94 -9.86
C MET A 16 1.37 15.67 -9.31
N THR A 17 1.59 15.39 -8.01
CA THR A 17 0.93 14.27 -7.37
C THR A 17 -0.59 14.42 -7.41
N VAL A 18 -1.08 15.66 -7.34
CA VAL A 18 -2.51 15.89 -7.27
C VAL A 18 -3.13 15.91 -8.67
N LEU A 19 -2.46 16.55 -9.64
CA LEU A 19 -3.09 16.93 -10.89
C LEU A 19 -2.66 16.10 -12.10
N THR A 20 -1.45 15.59 -12.12
CA THR A 20 -0.95 14.96 -13.34
C THR A 20 -1.42 13.51 -13.43
N PRO A 21 -2.08 13.12 -14.51
CA PRO A 21 -2.50 11.72 -14.65
C PRO A 21 -1.30 10.78 -14.75
N LEU A 22 -1.48 9.56 -14.25
CA LEU A 22 -0.42 8.58 -14.27
C LEU A 22 -0.20 8.06 -15.69
N THR A 23 1.05 7.99 -16.11
CA THR A 23 1.43 7.49 -17.42
C THR A 23 1.98 6.06 -17.31
N GLU A 24 2.13 5.42 -18.47
CA GLU A 24 2.79 4.11 -18.51
C GLU A 24 4.19 4.18 -17.89
N LYS A 25 4.89 5.29 -18.11
CA LYS A 25 6.19 5.50 -17.48
C LYS A 25 6.05 5.52 -15.96
N ASP A 26 5.05 6.25 -15.45
CA ASP A 26 4.81 6.28 -14.01
C ASP A 26 4.55 4.90 -13.44
N TYR A 27 3.84 4.05 -14.20
CA TYR A 27 3.47 2.74 -13.69
C TYR A 27 4.66 1.81 -13.56
N GLU A 28 5.73 2.04 -14.33
CA GLU A 28 6.95 1.29 -14.10
C GLU A 28 7.53 1.61 -12.73
N GLY A 29 7.44 2.88 -12.31
CA GLY A 29 7.90 3.24 -10.99
C GLY A 29 6.98 2.72 -9.89
N LEU A 30 5.67 2.75 -10.12
CA LEU A 30 4.73 2.23 -9.14
C LEU A 30 4.90 0.73 -8.95
N LYS A 31 5.14 0.00 -10.04
CA LYS A 31 5.39 -1.43 -9.91
C LYS A 31 6.67 -1.69 -9.12
N ARG A 32 7.68 -0.83 -9.32
CA ARG A 32 8.93 -0.98 -8.57
C ARG A 32 8.71 -0.75 -7.08
N VAL A 33 7.93 0.26 -6.72
CA VAL A 33 7.63 0.51 -5.32
C VAL A 33 6.85 -0.67 -4.72
N LEU A 34 5.86 -1.16 -5.48
CA LEU A 34 5.05 -2.27 -4.99
C LEU A 34 5.89 -3.52 -4.80
N ARG A 35 6.76 -3.83 -5.77
CA ARG A 35 7.62 -5.00 -5.65
C ARG A 35 8.58 -4.89 -4.47
N SER A 36 9.12 -3.69 -4.23
CA SER A 36 10.02 -3.50 -3.10
C SER A 36 9.30 -3.77 -1.78
N LEU A 37 8.05 -3.34 -1.66
CA LEU A 37 7.29 -3.64 -0.45
C LEU A 37 7.00 -5.13 -0.34
N GLN A 38 6.59 -5.76 -1.44
CA GLN A 38 6.30 -7.19 -1.41
C GLN A 38 7.51 -8.01 -1.00
N ALA A 39 8.72 -7.54 -1.32
CA ALA A 39 9.93 -8.26 -0.95
C ALA A 39 10.41 -7.93 0.46
N HIS A 40 9.79 -6.97 1.14
CA HIS A 40 10.26 -6.57 2.45
C HIS A 40 9.95 -7.64 3.48
N LYS A 41 10.92 -7.90 4.37
CA LYS A 41 10.78 -8.95 5.36
C LYS A 41 9.52 -8.79 6.22
N MET A 42 9.14 -7.54 6.51
CA MET A 42 8.02 -7.25 7.39
C MET A 42 6.71 -7.08 6.65
N ALA A 43 6.67 -7.38 5.36
CA ALA A 43 5.43 -7.26 4.59
C ALA A 43 4.58 -8.52 4.61
N TRP A 44 5.06 -9.58 5.26
CA TRP A 44 4.37 -10.86 5.26
C TRP A 44 2.90 -10.81 5.69
N PRO A 45 2.47 -9.94 6.62
CA PRO A 45 1.04 -9.94 6.97
C PRO A 45 0.15 -9.29 5.92
N PHE A 46 0.72 -8.56 4.95
CA PHE A 46 -0.07 -7.76 4.03
C PHE A 46 0.02 -8.23 2.59
N LEU A 47 0.65 -9.38 2.33
CA LEU A 47 0.80 -9.84 0.96
C LEU A 47 -0.53 -10.28 0.35
N GLU A 48 -1.41 -10.86 1.15
CA GLU A 48 -2.69 -11.38 0.71
C GLU A 48 -3.80 -10.83 1.60
N PRO A 49 -5.05 -10.84 1.12
CA PRO A 49 -6.16 -10.36 1.96
C PRO A 49 -6.21 -11.10 3.29
N VAL A 50 -6.70 -10.40 4.32
CA VAL A 50 -6.81 -10.99 5.64
C VAL A 50 -7.72 -12.23 5.57
N ASP A 51 -7.25 -13.32 6.13
CA ASP A 51 -8.05 -14.55 6.21
C ASP A 51 -9.06 -14.40 7.33
N PRO A 52 -10.36 -14.48 7.06
CA PRO A 52 -11.36 -14.32 8.13
C PRO A 52 -11.22 -15.35 9.24
N ASN A 53 -10.63 -16.52 8.96
CA ASN A 53 -10.41 -17.51 10.00
C ASN A 53 -9.26 -17.14 10.93
N ASP A 54 -8.42 -16.18 10.53
CA ASP A 54 -7.41 -15.62 11.42
C ASP A 54 -7.95 -14.49 12.27
N ALA A 55 -9.06 -13.86 11.86
CA ALA A 55 -9.65 -12.74 12.58
C ALA A 55 -11.14 -12.75 12.32
N PRO A 56 -11.92 -13.40 13.19
CA PRO A 56 -13.31 -13.72 12.83
C PRO A 56 -14.19 -12.52 12.54
N ASP A 57 -14.03 -11.42 13.28
CA ASP A 57 -14.87 -10.24 13.09
C ASP A 57 -14.21 -9.18 12.23
N TYR A 58 -13.12 -9.51 11.53
CA TYR A 58 -12.35 -8.50 10.83
C TYR A 58 -13.19 -7.79 9.78
N TYR A 59 -13.92 -8.54 8.96
CA TYR A 59 -14.65 -7.95 7.85
C TYR A 59 -15.95 -7.29 8.28
N GLY A 60 -16.33 -7.42 9.55
CA GLY A 60 -17.44 -6.64 10.09
C GLY A 60 -16.93 -5.36 10.72
N VAL A 61 -15.63 -5.30 11.00
CA VAL A 61 -15.02 -4.15 11.63
C VAL A 61 -14.35 -3.22 10.61
N ILE A 62 -13.66 -3.80 9.63
CA ILE A 62 -12.92 -3.02 8.64
C ILE A 62 -13.80 -2.86 7.41
N LYS A 63 -14.18 -1.62 7.11
CA LYS A 63 -15.12 -1.35 6.03
C LYS A 63 -14.47 -1.47 4.65
N GLU A 64 -13.21 -1.08 4.52
CA GLU A 64 -12.50 -1.11 3.24
C GLU A 64 -11.17 -1.84 3.39
N PRO A 65 -11.19 -3.18 3.39
CA PRO A 65 -9.95 -3.94 3.49
C PRO A 65 -9.07 -3.71 2.27
N MET A 66 -7.78 -3.94 2.45
CA MET A 66 -6.83 -3.74 1.36
C MET A 66 -5.57 -4.56 1.65
N ASP A 67 -4.93 -5.01 0.57
CA ASP A 67 -3.74 -5.84 0.66
C ASP A 67 -2.88 -5.61 -0.58
N LEU A 68 -1.64 -6.09 -0.51
CA LEU A 68 -0.68 -5.82 -1.59
C LEU A 68 -1.01 -6.59 -2.86
N ALA A 69 -1.62 -7.78 -2.73
CA ALA A 69 -2.02 -8.52 -3.93
C ALA A 69 -3.17 -7.83 -4.66
N THR A 70 -4.08 -7.19 -3.92
CA THR A 70 -5.13 -6.41 -4.56
C THR A 70 -4.54 -5.19 -5.27
N MET A 71 -3.54 -4.55 -4.65
CA MET A 71 -2.88 -3.42 -5.31
C MET A 71 -2.06 -3.87 -6.51
N GLU A 72 -1.50 -5.08 -6.46
CA GLU A 72 -0.79 -5.61 -7.63
C GLU A 72 -1.73 -5.76 -8.81
N GLU A 73 -2.95 -6.24 -8.56
CA GLU A 73 -3.93 -6.38 -9.63
C GLU A 73 -4.33 -5.02 -10.19
N ARG A 74 -4.52 -4.04 -9.30
CA ARG A 74 -4.94 -2.71 -9.75
C ARG A 74 -3.83 -1.99 -10.50
N VAL A 75 -2.57 -2.21 -10.10
CA VAL A 75 -1.46 -1.65 -10.86
C VAL A 75 -1.40 -2.27 -12.26
N GLN A 76 -1.52 -3.60 -12.32
CA GLN A 76 -1.48 -4.27 -13.62
C GLN A 76 -2.64 -3.82 -14.52
N ARG A 77 -3.79 -3.53 -13.91
CA ARG A 77 -4.97 -3.09 -14.65
C ARG A 77 -4.98 -1.60 -14.95
N ARG A 78 -3.98 -0.85 -14.48
CA ARG A 78 -3.97 0.61 -14.63
C ARG A 78 -5.19 1.24 -13.96
N TYR A 79 -5.56 0.69 -12.81
CA TYR A 79 -6.73 1.16 -12.08
C TYR A 79 -6.55 2.59 -11.60
N TYR A 80 -5.34 2.95 -11.19
CA TYR A 80 -5.09 4.26 -10.62
C TYR A 80 -4.88 5.30 -11.71
N GLU A 81 -5.54 6.45 -11.57
CA GLU A 81 -5.38 7.55 -12.51
C GLU A 81 -4.51 8.67 -11.96
N LYS A 82 -4.46 8.84 -10.64
CA LYS A 82 -3.62 9.83 -10.00
C LYS A 82 -2.82 9.16 -8.89
N LEU A 83 -1.65 9.71 -8.60
CA LEU A 83 -0.81 9.15 -7.54
C LEU A 83 -1.52 9.15 -6.19
N THR A 84 -2.41 10.13 -5.97
CA THR A 84 -3.13 10.19 -4.70
C THR A 84 -3.94 8.94 -4.44
N GLU A 85 -4.55 8.37 -5.48
CA GLU A 85 -5.36 7.16 -5.31
C GLU A 85 -4.48 5.96 -4.96
N PHE A 86 -3.28 5.89 -5.53
CA PHE A 86 -2.35 4.82 -5.19
C PHE A 86 -1.90 4.93 -3.75
N VAL A 87 -1.58 6.14 -3.30
CA VAL A 87 -1.16 6.34 -1.91
C VAL A 87 -2.31 6.02 -0.96
N ALA A 88 -3.54 6.37 -1.36
CA ALA A 88 -4.69 6.11 -0.50
C ALA A 88 -4.90 4.62 -0.27
N ASP A 89 -4.80 3.81 -1.33
CA ASP A 89 -4.92 2.37 -1.17
C ASP A 89 -3.84 1.82 -0.26
N MET A 90 -2.58 2.22 -0.48
CA MET A 90 -1.49 1.75 0.36
C MET A 90 -1.70 2.15 1.82
N THR A 91 -2.16 3.38 2.04
CA THR A 91 -2.38 3.84 3.41
C THR A 91 -3.49 3.06 4.10
N LYS A 92 -4.52 2.63 3.36
CA LYS A 92 -5.57 1.80 3.92
C LYS A 92 -4.99 0.56 4.59
N ILE A 93 -3.99 -0.07 3.94
CA ILE A 93 -3.39 -1.29 4.48
C ILE A 93 -2.89 -1.05 5.91
N PHE A 94 -2.17 0.05 6.11
CA PHE A 94 -1.55 0.30 7.40
C PHE A 94 -2.55 0.87 8.41
N ASP A 95 -3.44 1.75 7.97
CA ASP A 95 -4.44 2.30 8.89
C ASP A 95 -5.45 1.25 9.32
N ASN A 96 -5.83 0.35 8.41
CA ASN A 96 -6.70 -0.76 8.80
C ASN A 96 -6.04 -1.61 9.87
N CYS A 97 -4.76 -1.92 9.70
CA CYS A 97 -4.06 -2.79 10.63
C CYS A 97 -3.96 -2.15 12.01
N ARG A 98 -3.59 -0.88 12.08
CA ARG A 98 -3.45 -0.21 13.37
C ARG A 98 -4.78 0.05 14.04
N TYR A 99 -5.88 0.10 13.28
CA TYR A 99 -7.19 0.28 13.90
C TYR A 99 -7.73 -1.03 14.47
N TYR A 100 -7.48 -2.15 13.80
CA TYR A 100 -8.00 -3.42 14.27
C TYR A 100 -7.15 -4.01 15.40
N ASN A 101 -5.82 -3.84 15.32
CA ASN A 101 -4.94 -4.58 16.20
C ASN A 101 -4.44 -3.70 17.35
N PRO A 102 -4.14 -4.30 18.50
CA PRO A 102 -3.52 -3.53 19.58
C PRO A 102 -2.08 -3.19 19.24
N SER A 103 -1.53 -2.24 20.00
CA SER A 103 -0.22 -1.69 19.68
C SER A 103 0.90 -2.72 19.82
N ASP A 104 0.70 -3.77 20.63
CA ASP A 104 1.72 -4.79 20.83
C ASP A 104 1.59 -5.97 19.89
N SER A 105 0.70 -5.90 18.90
CA SER A 105 0.53 -6.98 17.94
C SER A 105 1.68 -6.98 16.92
N PRO A 106 2.17 -8.16 16.53
CA PRO A 106 3.17 -8.21 15.45
C PRO A 106 2.67 -7.60 14.15
N PHE A 107 1.37 -7.69 13.87
CA PHE A 107 0.81 -7.03 12.70
C PHE A 107 0.98 -5.52 12.80
N TYR A 108 0.61 -4.95 13.95
CA TYR A 108 0.74 -3.52 14.18
C TYR A 108 2.18 -3.06 13.98
N GLN A 109 3.13 -3.80 14.54
CA GLN A 109 4.54 -3.43 14.41
C GLN A 109 5.01 -3.54 12.96
N CYS A 110 4.51 -4.53 12.22
CA CYS A 110 4.83 -4.62 10.79
C CYS A 110 4.30 -3.40 10.04
N ALA A 111 3.11 -2.93 10.40
CA ALA A 111 2.56 -1.75 9.74
C ALA A 111 3.43 -0.53 9.98
N GLU A 112 4.00 -0.40 11.17
CA GLU A 112 4.83 0.76 11.48
C GLU A 112 6.09 0.78 10.63
N VAL A 113 6.79 -0.35 10.54
CA VAL A 113 8.04 -0.38 9.78
C VAL A 113 7.76 -0.30 8.28
N LEU A 114 6.72 -1.00 7.81
CA LEU A 114 6.46 -1.03 6.38
C LEU A 114 5.95 0.31 5.86
N GLU A 115 5.18 1.04 6.66
CA GLU A 115 4.73 2.35 6.21
C GLU A 115 5.89 3.33 6.12
N SER A 116 6.82 3.28 7.08
CA SER A 116 8.02 4.10 7.00
C SER A 116 8.83 3.75 5.76
N PHE A 117 8.92 2.45 5.45
CA PHE A 117 9.60 2.02 4.22
C PHE A 117 8.88 2.56 2.99
N PHE A 118 7.55 2.52 3.00
CA PHE A 118 6.77 3.02 1.86
C PHE A 118 7.02 4.51 1.63
N VAL A 119 7.01 5.29 2.72
CA VAL A 119 7.22 6.73 2.59
C VAL A 119 8.58 7.02 1.96
N GLN A 120 9.61 6.26 2.35
CA GLN A 120 10.93 6.41 1.75
C GLN A 120 10.88 6.12 0.25
N LYS A 121 10.27 4.99 -0.13
CA LYS A 121 10.17 4.64 -1.55
C LYS A 121 9.29 5.61 -2.31
N LEU A 122 8.24 6.12 -1.67
CA LEU A 122 7.36 7.08 -2.33
C LEU A 122 8.09 8.39 -2.63
N LYS A 123 8.85 8.89 -1.65
CA LYS A 123 9.67 10.08 -1.90
C LYS A 123 10.61 9.87 -3.08
N GLY A 124 11.18 8.67 -3.20
CA GLY A 124 12.03 8.38 -4.34
C GLY A 124 11.26 8.40 -5.66
N PHE A 125 10.05 7.83 -5.67
CA PHE A 125 9.24 7.85 -6.88
C PHE A 125 8.90 9.28 -7.29
N LYS A 126 8.49 10.12 -6.33
CA LYS A 126 8.14 11.49 -6.65
C LYS A 126 9.34 12.28 -7.14
N ALA A 127 10.53 11.98 -6.63
CA ALA A 127 11.71 12.76 -7.00
C ALA A 127 12.13 12.49 -8.44
N SER A 128 12.02 11.25 -8.89
CA SER A 128 12.46 10.86 -10.22
C SER A 128 11.32 10.88 -11.24
N ARG A 129 10.14 11.37 -10.86
CA ARG A 129 8.98 11.30 -11.75
C ARG A 129 9.13 12.19 -12.98
N SER A 130 10.08 13.11 -13.00
CA SER A 130 10.28 14.01 -14.12
C SER A 130 11.44 13.60 -15.03
N HIS A 131 12.09 12.47 -14.76
CA HIS A 131 13.24 12.05 -15.56
C HIS A 131 13.48 10.54 -15.46
C01 7XE B . -6.07 -9.09 12.12
C04 7XE B . -4.11 -11.28 10.02
C05 7XE B . -3.29 -10.41 9.29
C07 7XE B . -1.84 -12.27 8.13
C08 7XE B . -1.76 -13.14 9.23
C09 7XE B . -1.30 -14.49 9.05
C10 7XE B . -1.25 -15.42 10.30
C11 7XE B . -0.90 -16.91 9.96
C13 7XE B . -0.45 -16.34 7.65
C14 7XE B . -0.94 -14.91 7.84
C15 7XE B . -1.01 -14.02 6.71
C16 7XE B . -1.46 -12.71 6.88
C17 7XE B . -3.44 -9.01 9.53
C19 7XE B . -4.39 -8.62 10.50
N02 7XE B . -5.11 -9.52 11.13
N03 7XE B . -4.97 -10.82 10.90
N06 7XE B . -2.30 -10.87 8.28
N12 7XE B . -1.10 -17.27 8.56
O20 7XE B . -4.57 -7.25 10.78
CL18 7XE B . -2.48 -7.79 8.67
CA CA C . -6.75 6.43 6.95
#